data_6IKO
#
_entry.id   6IKO
#
_cell.length_a   194.182
_cell.length_b   194.182
_cell.length_c   194.182
_cell.angle_alpha   90.00
_cell.angle_beta   90.00
_cell.angle_gamma   90.00
#
_symmetry.space_group_name_H-M   'P 21 3'
#
_entity_poly.entity_id   1
_entity_poly.type   'polypeptide(L)'
_entity_poly.pdbx_seq_one_letter_code
;MNHKVHHHHHHMELGTLEGSMAGARCRTLYPFSGERHSQGLRFSAGELLTLLQVPDGGWWEGEKDDGLRGWFPASYVQLL
EKPGMVPPPPGEESQTVILPPGWHSYLSPQGRRYYVNTTTNETTWERPSSSPGISASPGPHRSSLPTTVNGYHASGTPAH
PPETAHMSLRKSTGDSQNLGSSSPGRKQSKENTITINCVTFPHPDTMPEQQLLKPTEWSYCDYFWADKKDPQGNGTVAGF
ELLLQKQLKGKQMQKEMSEFIRERIKIEEEYAKNLAKLSQNSLAAQEEGSLGEAWAQVKKSLADEAEVHLKFSAKLHSEV
EKPLMNFRENFKKDMKKCDHHIADLRKQLASRYASVEKARKALTERQKDLEMKTQQLEIKLSNKTEEDIKKARRKSTQAG
DDLMRCVDLYNQAQSKWFEEMVTTTLELERLEVERVEMIRQHLCQYTQLRHETDMFNQSTVEPVDQLLRKVDPAKDRELW
VREHKTGNIRPVDMEI
;
_entity_poly.pdbx_strand_id   A,B
#
# COMPACT_ATOMS: atom_id res chain seq x y z
N ASN A 192 -18.67 15.23 -66.26
CA ASN A 192 -19.63 16.09 -65.56
C ASN A 192 -19.71 15.85 -64.03
N THR A 193 -20.08 14.62 -63.63
CA THR A 193 -20.08 14.19 -62.21
C THR A 193 -19.61 12.73 -62.09
N ILE A 194 -18.75 12.46 -61.12
CA ILE A 194 -18.04 11.19 -61.07
C ILE A 194 -18.88 10.13 -60.34
N THR A 195 -18.38 8.89 -60.25
CA THR A 195 -19.06 7.83 -59.51
C THR A 195 -18.09 6.74 -59.03
N ILE A 196 -17.76 6.77 -57.75
CA ILE A 196 -16.87 5.75 -57.23
C ILE A 196 -17.56 4.77 -56.28
N ASN A 197 -17.23 3.50 -56.47
CA ASN A 197 -17.88 2.41 -55.78
C ASN A 197 -19.39 2.59 -55.71
N CYS A 198 -19.99 2.81 -56.88
CA CYS A 198 -21.44 2.86 -57.03
C CYS A 198 -22.12 4.06 -56.38
N VAL A 199 -21.37 5.02 -55.83
CA VAL A 199 -22.01 6.22 -55.25
C VAL A 199 -21.52 7.47 -55.96
N THR A 200 -22.44 8.32 -56.41
CA THR A 200 -22.04 9.42 -57.29
C THR A 200 -21.81 10.79 -56.60
N PHE A 201 -20.53 11.16 -56.50
CA PHE A 201 -20.13 12.52 -56.10
C PHE A 201 -20.02 13.41 -57.34
N PRO A 202 -20.02 14.74 -57.16
CA PRO A 202 -19.78 15.62 -58.30
C PRO A 202 -18.30 15.67 -58.68
N HIS A 203 -17.97 15.90 -59.96
CA HIS A 203 -16.60 15.82 -60.50
C HIS A 203 -15.62 16.68 -59.69
N PRO A 204 -14.38 16.19 -59.48
CA PRO A 204 -13.34 16.92 -58.74
C PRO A 204 -12.85 18.17 -59.46
N ASP A 205 -13.79 19.06 -59.81
CA ASP A 205 -13.42 20.34 -60.40
C ASP A 205 -13.66 21.44 -59.36
N THR A 206 -14.05 22.62 -59.84
CA THR A 206 -14.48 23.71 -58.97
C THR A 206 -15.93 23.46 -58.50
N MET A 207 -16.11 22.51 -57.58
CA MET A 207 -17.43 22.23 -57.00
C MET A 207 -17.77 23.12 -55.81
N PRO A 208 -18.85 23.91 -55.94
CA PRO A 208 -19.24 24.97 -54.99
C PRO A 208 -19.28 24.60 -53.52
N GLU A 209 -18.35 25.24 -52.80
CA GLU A 209 -18.24 25.24 -51.34
C GLU A 209 -18.45 23.92 -50.61
N GLN A 210 -19.64 23.35 -50.76
CA GLN A 210 -20.09 22.21 -49.95
C GLN A 210 -20.31 22.65 -48.51
N GLN A 211 -21.53 23.06 -48.19
CA GLN A 211 -21.86 23.37 -46.81
C GLN A 211 -21.66 22.15 -45.96
N LEU A 212 -20.84 22.25 -44.92
CA LEU A 212 -20.68 21.13 -43.99
C LEU A 212 -21.96 20.98 -43.19
N LEU A 213 -22.32 19.73 -42.94
CA LEU A 213 -23.54 19.45 -42.22
C LEU A 213 -23.50 20.06 -40.84
N LYS A 214 -22.56 19.57 -40.05
CA LYS A 214 -22.30 20.09 -38.73
C LYS A 214 -20.89 20.66 -38.78
N PRO A 215 -20.80 22.00 -38.88
CA PRO A 215 -19.55 22.75 -39.09
C PRO A 215 -18.80 22.98 -37.80
N THR A 216 -17.49 23.26 -37.91
CA THR A 216 -16.55 23.22 -36.79
C THR A 216 -16.46 21.75 -36.33
N GLU A 217 -17.26 21.39 -35.31
CA GLU A 217 -17.27 20.04 -34.70
C GLU A 217 -17.17 18.97 -35.76
N TRP A 218 -16.19 18.12 -35.61
CA TRP A 218 -15.87 17.24 -36.70
C TRP A 218 -16.82 16.08 -36.69
N SER A 219 -18.01 16.32 -37.25
CA SER A 219 -19.11 15.36 -37.15
C SER A 219 -18.85 14.16 -38.03
N TYR A 220 -19.24 12.99 -37.54
CA TYR A 220 -19.06 11.74 -38.29
C TYR A 220 -19.75 11.81 -39.64
N CYS A 221 -20.85 12.55 -39.67
CA CYS A 221 -21.66 12.66 -40.87
C CYS A 221 -21.15 13.73 -41.81
N ASP A 222 -19.84 13.87 -41.91
CA ASP A 222 -19.29 14.98 -42.66
C ASP A 222 -17.99 14.57 -43.33
N TYR A 223 -17.17 13.82 -42.60
CA TYR A 223 -15.83 13.52 -43.08
C TYR A 223 -15.68 12.02 -43.37
N PHE A 224 -16.78 11.33 -43.61
CA PHE A 224 -16.70 9.94 -44.06
C PHE A 224 -17.77 9.66 -45.08
N TRP A 225 -17.39 9.62 -46.35
CA TRP A 225 -18.33 9.27 -47.38
C TRP A 225 -17.64 8.30 -48.30
N ALA A 226 -16.75 8.83 -49.12
CA ALA A 226 -15.94 7.99 -50.00
C ALA A 226 -15.22 6.92 -49.18
N ASP A 227 -15.12 5.72 -49.75
CA ASP A 227 -14.56 4.60 -49.03
C ASP A 227 -13.05 4.76 -48.87
N LYS A 228 -12.37 3.71 -48.43
CA LYS A 228 -10.92 3.74 -48.22
C LYS A 228 -10.34 2.38 -48.48
N LYS A 229 -9.17 2.33 -49.11
CA LYS A 229 -8.51 1.06 -49.39
C LYS A 229 -7.51 0.75 -48.28
N ASP A 230 -7.41 -0.52 -47.89
CA ASP A 230 -6.28 -0.95 -47.07
C ASP A 230 -5.04 -0.45 -47.83
N PRO A 231 -4.13 0.27 -47.17
CA PRO A 231 -2.98 0.96 -47.81
C PRO A 231 -2.35 0.23 -49.01
N GLN A 232 -2.35 -1.11 -48.99
CA GLN A 232 -1.89 -1.95 -50.10
C GLN A 232 -2.67 -1.74 -51.41
N GLY A 233 -3.43 -2.77 -51.79
CA GLY A 233 -4.33 -2.70 -52.93
C GLY A 233 -5.64 -3.33 -52.50
N ASN A 234 -5.53 -4.32 -51.62
CA ASN A 234 -6.70 -4.97 -51.02
C ASN A 234 -6.47 -5.17 -49.50
N GLY A 235 -7.53 -5.09 -48.69
CA GLY A 235 -8.90 -4.88 -49.16
C GLY A 235 -9.40 -3.45 -49.05
N THR A 236 -10.21 -3.04 -50.05
CA THR A 236 -10.72 -1.68 -50.16
C THR A 236 -12.14 -1.47 -49.58
N VAL A 237 -12.25 -1.14 -48.29
CA VAL A 237 -13.53 -1.18 -47.55
C VAL A 237 -14.34 0.10 -47.44
N ALA A 238 -15.52 -0.08 -46.84
CA ALA A 238 -16.59 0.91 -46.83
C ALA A 238 -16.29 2.11 -45.94
N GLY A 239 -16.74 3.28 -46.38
CA GLY A 239 -16.43 4.52 -45.69
C GLY A 239 -17.12 4.79 -44.36
N PHE A 240 -17.34 3.74 -43.58
CA PHE A 240 -18.20 3.79 -42.41
C PHE A 240 -17.68 2.73 -41.49
N GLU A 241 -17.11 1.71 -42.12
CA GLU A 241 -16.64 0.55 -41.42
C GLU A 241 -15.68 0.93 -40.33
N LEU A 242 -14.96 2.01 -40.58
CA LEU A 242 -13.98 2.54 -39.64
C LEU A 242 -14.67 3.14 -38.46
N LEU A 243 -15.86 3.70 -38.69
CA LEU A 243 -16.61 4.33 -37.62
C LEU A 243 -17.08 3.25 -36.64
N LEU A 244 -17.58 2.16 -37.22
CA LEU A 244 -17.87 0.97 -36.45
C LEU A 244 -16.64 0.43 -35.72
N GLN A 245 -15.55 0.27 -36.46
CA GLN A 245 -14.33 -0.28 -35.88
C GLN A 245 -13.90 0.55 -34.71
N LYS A 246 -14.04 1.86 -34.82
CA LYS A 246 -13.69 2.76 -33.73
C LYS A 246 -14.61 2.46 -32.56
N GLN A 247 -15.91 2.32 -32.81
CA GLN A 247 -16.88 2.08 -31.71
C GLN A 247 -16.47 0.85 -30.95
N LEU A 248 -16.09 -0.13 -31.74
CA LEU A 248 -15.72 -1.43 -31.29
C LEU A 248 -14.44 -1.40 -30.47
N LYS A 249 -13.43 -0.72 -31.00
CA LYS A 249 -12.18 -0.56 -30.29
C LYS A 249 -12.50 0.13 -28.99
N GLY A 250 -13.51 0.97 -29.04
CA GLY A 250 -13.95 1.67 -27.86
C GLY A 250 -14.37 0.72 -26.76
N LYS A 251 -15.42 -0.06 -27.01
CA LYS A 251 -15.91 -1.00 -25.99
C LYS A 251 -14.77 -1.96 -25.62
N GLN A 252 -13.84 -2.17 -26.54
CA GLN A 252 -12.67 -2.99 -26.22
C GLN A 252 -11.80 -2.33 -25.14
N MET A 253 -11.38 -1.10 -25.41
CA MET A 253 -10.62 -0.31 -24.45
C MET A 253 -11.26 -0.42 -23.11
N GLN A 254 -12.54 -0.09 -23.11
CA GLN A 254 -13.39 -0.17 -21.95
C GLN A 254 -13.10 -1.47 -21.17
N LYS A 255 -13.22 -2.59 -21.87
CA LYS A 255 -12.97 -3.86 -21.21
C LYS A 255 -11.58 -3.91 -20.61
N GLU A 256 -10.58 -3.51 -21.40
CA GLU A 256 -9.20 -3.65 -20.96
C GLU A 256 -9.00 -2.87 -19.68
N MET A 257 -9.51 -1.65 -19.66
CA MET A 257 -9.50 -0.80 -18.48
C MET A 257 -10.07 -1.51 -17.26
N SER A 258 -11.26 -2.10 -17.44
CA SER A 258 -11.83 -2.85 -16.32
C SER A 258 -10.84 -3.89 -15.83
N GLU A 259 -10.16 -4.56 -16.78
CA GLU A 259 -9.23 -5.62 -16.39
C GLU A 259 -8.05 -5.08 -15.57
N PHE A 260 -7.58 -3.89 -15.95
CA PHE A 260 -6.55 -3.18 -15.21
C PHE A 260 -6.98 -2.93 -13.77
N ILE A 261 -8.17 -2.34 -13.62
CA ILE A 261 -8.66 -2.10 -12.29
C ILE A 261 -8.75 -3.39 -11.51
N ARG A 262 -9.19 -4.47 -12.17
CA ARG A 262 -9.32 -5.75 -11.51
C ARG A 262 -8.03 -6.04 -10.83
N GLU A 263 -6.95 -5.97 -11.62
CA GLU A 263 -5.61 -6.25 -11.11
C GLU A 263 -5.29 -5.44 -9.89
N ARG A 264 -5.54 -4.14 -9.98
CA ARG A 264 -5.34 -3.30 -8.81
C ARG A 264 -6.06 -3.88 -7.61
N ILE A 265 -7.27 -4.36 -7.83
CA ILE A 265 -8.10 -4.78 -6.72
C ILE A 265 -7.47 -6.00 -6.11
N LYS A 266 -6.97 -6.88 -6.97
CA LYS A 266 -6.33 -8.10 -6.50
C LYS A 266 -5.16 -7.72 -5.58
N ILE A 267 -4.37 -6.77 -6.06
CA ILE A 267 -3.22 -6.26 -5.32
C ILE A 267 -3.63 -5.77 -3.92
N GLU A 268 -4.67 -4.96 -3.91
CA GLU A 268 -5.17 -4.38 -2.68
C GLU A 268 -5.63 -5.45 -1.71
N GLU A 269 -6.40 -6.39 -2.23
CA GLU A 269 -6.92 -7.50 -1.44
C GLU A 269 -5.75 -8.15 -0.72
N GLU A 270 -4.68 -8.40 -1.48
CA GLU A 270 -3.53 -9.05 -0.87
C GLU A 270 -2.84 -8.22 0.21
N TYR A 271 -2.51 -6.98 -0.15
CA TYR A 271 -1.83 -6.06 0.78
C TYR A 271 -2.61 -6.06 2.10
N ALA A 272 -3.94 -5.98 2.01
CA ALA A 272 -4.75 -5.92 3.23
C ALA A 272 -4.61 -7.22 3.99
N LYS A 273 -4.65 -8.34 3.28
CA LYS A 273 -4.52 -9.64 3.95
C LYS A 273 -3.24 -9.71 4.78
N ASN A 274 -2.15 -9.22 4.20
CA ASN A 274 -0.84 -9.33 4.84
C ASN A 274 -0.72 -8.41 6.04
N LEU A 275 -1.24 -7.20 5.90
CA LEU A 275 -1.25 -6.27 7.01
C LEU A 275 -2.05 -6.82 8.17
N ALA A 276 -3.15 -7.52 7.83
CA ALA A 276 -3.98 -8.14 8.85
C ALA A 276 -3.22 -9.25 9.56
N LYS A 277 -2.56 -10.13 8.80
CA LYS A 277 -1.76 -11.20 9.41
C LYS A 277 -0.71 -10.62 10.36
N LEU A 278 -0.08 -9.53 9.93
CA LEU A 278 0.94 -8.92 10.77
C LEU A 278 0.29 -8.31 12.00
N SER A 279 -0.95 -7.87 11.90
CA SER A 279 -1.55 -7.17 13.02
C SER A 279 -1.80 -8.14 14.16
N GLN A 280 -1.91 -9.41 13.83
CA GLN A 280 -2.20 -10.40 14.84
C GLN A 280 -0.91 -10.93 15.41
N ASN A 281 0.19 -10.59 14.76
CA ASN A 281 1.51 -11.11 15.13
C ASN A 281 1.94 -10.78 16.58
N SER A 282 2.64 -11.73 17.19
CA SER A 282 2.81 -11.78 18.65
C SER A 282 4.02 -11.04 19.17
N LEU A 283 4.77 -10.43 18.28
CA LEU A 283 6.06 -9.83 18.64
C LEU A 283 5.97 -8.78 19.72
N ALA A 284 7.04 -8.70 20.51
CA ALA A 284 7.18 -7.70 21.56
C ALA A 284 5.94 -7.60 22.45
N ALA A 285 5.27 -8.73 22.64
CA ALA A 285 4.02 -8.77 23.38
C ALA A 285 4.19 -8.38 24.84
N GLN A 286 5.15 -9.04 25.50
CA GLN A 286 5.36 -8.89 26.93
C GLN A 286 5.83 -7.51 27.33
N GLU A 287 5.88 -6.57 26.41
CA GLU A 287 6.13 -5.22 26.85
C GLU A 287 4.89 -4.76 27.60
N GLU A 288 5.05 -4.51 28.88
CA GLU A 288 3.92 -4.07 29.70
C GLU A 288 4.14 -2.60 29.97
N GLY A 289 3.12 -1.97 30.54
CA GLY A 289 3.18 -0.56 30.88
C GLY A 289 2.67 0.31 29.77
N SER A 290 2.65 1.63 30.00
CA SER A 290 2.06 2.56 29.04
C SER A 290 2.69 2.43 27.67
N LEU A 291 3.98 2.10 27.66
CA LEU A 291 4.71 1.80 26.43
C LEU A 291 4.18 0.50 25.83
N GLY A 292 3.91 -0.48 26.68
CA GLY A 292 3.32 -1.73 26.21
C GLY A 292 2.01 -1.50 25.47
N GLU A 293 1.11 -0.75 26.11
CA GLU A 293 -0.17 -0.42 25.50
C GLU A 293 0.05 0.30 24.20
N ALA A 294 0.99 1.23 24.19
CA ALA A 294 1.29 1.97 22.97
C ALA A 294 1.71 1.03 21.83
N TRP A 295 2.65 0.13 22.12
CA TRP A 295 3.13 -0.82 21.12
C TRP A 295 1.95 -1.66 20.62
N ALA A 296 1.20 -2.20 21.57
CA ALA A 296 0.00 -2.94 21.22
C ALA A 296 -0.87 -2.18 20.18
N GLN A 297 -1.10 -0.89 20.45
CA GLN A 297 -1.93 -0.09 19.55
C GLN A 297 -1.27 0.06 18.17
N VAL A 298 0.07 0.06 18.12
CA VAL A 298 0.74 0.08 16.81
C VAL A 298 0.37 -1.17 16.05
N LYS A 299 0.50 -2.33 16.71
CA LYS A 299 0.20 -3.61 16.05
C LYS A 299 -1.25 -3.64 15.59
N LYS A 300 -2.16 -3.01 16.33
CA LYS A 300 -3.55 -2.99 15.87
C LYS A 300 -3.75 -2.03 14.66
N SER A 301 -3.10 -0.88 14.67
CA SER A 301 -3.35 0.11 13.63
C SER A 301 -3.14 -0.52 12.24
N LEU A 302 -2.35 -1.60 12.21
CA LEU A 302 -2.09 -2.31 10.96
C LEU A 302 -3.35 -3.03 10.52
N ALA A 303 -4.11 -3.50 11.50
CA ALA A 303 -5.39 -4.12 11.18
C ALA A 303 -6.35 -3.09 10.65
N ASP A 304 -6.50 -1.99 11.41
CA ASP A 304 -7.37 -0.86 11.01
C ASP A 304 -7.07 -0.39 9.57
N GLU A 305 -5.78 -0.24 9.32
CA GLU A 305 -5.21 0.13 8.04
C GLU A 305 -5.65 -0.86 6.96
N ALA A 306 -5.49 -2.14 7.29
CA ALA A 306 -5.77 -3.22 6.35
C ALA A 306 -7.19 -3.07 5.90
N GLU A 307 -8.04 -2.89 6.90
CA GLU A 307 -9.46 -2.72 6.74
C GLU A 307 -9.67 -1.61 5.74
N VAL A 308 -9.11 -0.45 6.02
CA VAL A 308 -9.26 0.68 5.10
C VAL A 308 -8.94 0.33 3.64
N HIS A 309 -7.83 -0.38 3.43
CA HIS A 309 -7.43 -0.74 2.08
C HIS A 309 -8.35 -1.74 1.43
N LEU A 310 -8.95 -2.58 2.25
CA LEU A 310 -9.90 -3.54 1.75
C LEU A 310 -11.19 -2.82 1.32
N LYS A 311 -11.77 -2.08 2.25
CA LYS A 311 -12.98 -1.28 2.02
C LYS A 311 -12.78 -0.57 0.68
N PHE A 312 -11.56 -0.04 0.47
CA PHE A 312 -11.20 0.56 -0.81
C PHE A 312 -11.18 -0.38 -2.02
N SER A 313 -10.71 -1.61 -1.84
CA SER A 313 -10.69 -2.55 -2.98
C SER A 313 -12.11 -2.78 -3.41
N ALA A 314 -12.96 -2.85 -2.40
CA ALA A 314 -14.37 -3.09 -2.59
C ALA A 314 -15.01 -1.93 -3.32
N LYS A 315 -14.85 -0.72 -2.78
CA LYS A 315 -15.42 0.49 -3.37
C LYS A 315 -14.97 0.55 -4.85
N LEU A 316 -13.76 0.05 -5.12
CA LEU A 316 -13.22 -0.03 -6.49
C LEU A 316 -13.99 -0.94 -7.40
N HIS A 317 -14.22 -2.16 -6.90
CA HIS A 317 -14.94 -3.18 -7.64
C HIS A 317 -16.34 -2.73 -7.98
N SER A 318 -16.99 -2.07 -7.02
CA SER A 318 -18.39 -1.67 -7.13
C SER A 318 -18.54 -0.48 -8.05
N GLU A 319 -17.74 0.55 -7.78
CA GLU A 319 -17.95 1.87 -8.36
C GLU A 319 -17.08 2.14 -9.59
N VAL A 320 -16.10 1.26 -9.87
CA VAL A 320 -15.25 1.47 -11.05
C VAL A 320 -15.07 0.28 -11.99
N GLU A 321 -14.84 -0.93 -11.44
CA GLU A 321 -14.62 -2.11 -12.28
C GLU A 321 -15.90 -2.56 -13.00
N LYS A 322 -16.93 -2.91 -12.21
CA LYS A 322 -18.20 -3.37 -12.77
C LYS A 322 -18.70 -2.38 -13.81
N PRO A 323 -18.80 -1.10 -13.46
CA PRO A 323 -19.39 -0.19 -14.46
C PRO A 323 -18.59 -0.01 -15.76
N LEU A 324 -17.41 -0.58 -15.85
CA LEU A 324 -16.65 -0.50 -17.09
C LEU A 324 -16.93 -1.71 -17.97
N MET A 325 -17.10 -2.87 -17.34
CA MET A 325 -17.46 -4.08 -18.06
C MET A 325 -18.86 -3.96 -18.63
N ASN A 326 -19.82 -3.78 -17.72
CA ASN A 326 -21.23 -3.70 -18.05
C ASN A 326 -21.70 -2.29 -18.42
N PHE A 327 -21.13 -1.75 -19.47
CA PHE A 327 -21.66 -0.53 -20.04
C PHE A 327 -22.09 -0.86 -21.45
N ARG A 328 -23.40 -0.84 -21.67
CA ARG A 328 -23.98 -1.34 -22.91
C ARG A 328 -23.50 -2.77 -23.06
N GLU A 329 -24.10 -3.71 -22.35
CA GLU A 329 -23.50 -5.04 -22.26
C GLU A 329 -23.44 -5.68 -23.65
N ASN A 330 -24.60 -5.79 -24.27
CA ASN A 330 -24.68 -6.14 -25.67
C ASN A 330 -24.49 -4.88 -26.49
N PHE A 331 -23.31 -4.76 -27.06
CA PHE A 331 -22.94 -3.59 -27.83
C PHE A 331 -22.37 -4.24 -29.04
N LYS A 332 -21.82 -5.40 -28.78
CA LYS A 332 -21.30 -6.25 -29.83
C LYS A 332 -22.47 -6.72 -30.70
N LYS A 333 -23.69 -6.65 -30.15
CA LYS A 333 -24.88 -7.04 -30.89
C LYS A 333 -25.45 -5.90 -31.72
N ASP A 334 -25.63 -4.79 -31.04
CA ASP A 334 -26.17 -3.58 -31.63
C ASP A 334 -25.26 -3.02 -32.73
N MET A 335 -23.96 -3.26 -32.63
CA MET A 335 -23.05 -2.74 -33.66
C MET A 335 -23.19 -3.56 -34.90
N LYS A 336 -23.21 -4.87 -34.75
CA LYS A 336 -23.31 -5.71 -35.93
C LYS A 336 -24.73 -5.74 -36.51
N LYS A 337 -25.70 -5.15 -35.82
CA LYS A 337 -27.00 -4.88 -36.46
C LYS A 337 -26.94 -3.54 -37.23
N CYS A 338 -26.29 -2.58 -36.58
CA CYS A 338 -26.06 -1.26 -37.16
C CYS A 338 -25.15 -1.36 -38.36
N ASP A 339 -24.51 -2.50 -38.54
CA ASP A 339 -23.60 -2.65 -39.66
C ASP A 339 -24.45 -3.01 -40.84
N HIS A 340 -25.25 -4.07 -40.68
CA HIS A 340 -26.04 -4.57 -41.79
C HIS A 340 -27.12 -3.57 -42.17
N HIS A 341 -27.45 -2.63 -41.30
CA HIS A 341 -28.40 -1.63 -41.78
C HIS A 341 -27.83 -0.68 -42.81
N ILE A 342 -26.55 -0.35 -42.70
CA ILE A 342 -25.92 0.50 -43.68
C ILE A 342 -25.57 -0.34 -44.89
N ALA A 343 -24.85 -1.43 -44.59
CA ALA A 343 -24.38 -2.41 -45.57
C ALA A 343 -25.45 -2.83 -46.54
N ASP A 344 -26.62 -3.14 -46.00
CA ASP A 344 -27.72 -3.56 -46.84
C ASP A 344 -28.16 -2.45 -47.79
N LEU A 345 -28.22 -1.21 -47.32
CA LEU A 345 -28.61 -0.12 -48.21
C LEU A 345 -27.55 0.09 -49.27
N ARG A 346 -26.30 -0.26 -48.94
CA ARG A 346 -25.20 -0.11 -49.90
C ARG A 346 -25.19 -1.20 -50.96
N LYS A 347 -25.59 -2.43 -50.60
CA LYS A 347 -25.81 -3.47 -51.61
C LYS A 347 -26.99 -3.13 -52.52
N GLN A 348 -28.05 -2.65 -51.89
CA GLN A 348 -29.25 -2.20 -52.57
C GLN A 348 -28.98 -0.99 -53.45
N LEU A 349 -27.87 -0.31 -53.19
CA LEU A 349 -27.42 0.77 -54.06
C LEU A 349 -26.63 0.25 -55.23
N ALA A 350 -25.61 -0.54 -54.93
CA ALA A 350 -24.71 -1.06 -55.96
C ALA A 350 -25.50 -1.86 -56.98
N SER A 351 -26.60 -2.44 -56.51
CA SER A 351 -27.47 -3.17 -57.38
C SER A 351 -28.22 -2.20 -58.30
N ARG A 352 -28.73 -1.07 -57.80
CA ARG A 352 -29.43 -0.10 -58.67
C ARG A 352 -28.50 0.48 -59.70
N TYR A 353 -27.25 0.63 -59.29
CA TYR A 353 -26.20 1.09 -60.17
C TYR A 353 -25.95 0.12 -61.30
N ALA A 354 -25.69 -1.13 -60.96
CA ALA A 354 -25.52 -2.15 -61.98
C ALA A 354 -26.71 -2.12 -62.94
N SER A 355 -27.90 -1.99 -62.37
CA SER A 355 -29.14 -1.93 -63.15
C SER A 355 -29.08 -0.78 -64.14
N VAL A 356 -28.42 0.30 -63.75
CA VAL A 356 -28.36 1.42 -64.66
C VAL A 356 -27.36 1.17 -65.79
N GLU A 357 -26.16 0.76 -65.42
CA GLU A 357 -25.11 0.51 -66.40
C GLU A 357 -25.53 -0.50 -67.43
N LYS A 358 -25.95 -1.69 -66.99
CA LYS A 358 -26.39 -2.71 -67.95
C LYS A 358 -27.75 -2.40 -68.52
N ALA A 359 -28.08 -1.12 -68.62
CA ALA A 359 -29.32 -0.69 -69.22
C ALA A 359 -29.10 0.67 -69.80
N ARG A 360 -27.82 1.01 -69.80
CA ARG A 360 -27.25 2.14 -70.51
C ARG A 360 -26.55 1.54 -71.72
N LYS A 361 -26.05 0.33 -71.53
CA LYS A 361 -25.55 -0.50 -72.61
C LYS A 361 -26.72 -0.80 -73.51
N ALA A 362 -27.88 -0.94 -72.91
CA ALA A 362 -29.11 -1.22 -73.64
C ALA A 362 -29.39 -0.15 -74.66
N LEU A 363 -29.25 1.07 -74.19
CA LEU A 363 -29.53 2.23 -75.00
C LEU A 363 -28.61 2.30 -76.18
N THR A 364 -27.32 2.51 -75.91
CA THR A 364 -26.34 2.69 -76.95
C THR A 364 -26.38 1.52 -77.94
N GLU A 365 -26.52 0.27 -77.46
CA GLU A 365 -26.54 -0.86 -78.39
C GLU A 365 -27.84 -0.90 -79.21
N ARG A 366 -28.89 -0.20 -78.77
CA ARG A 366 -30.07 -0.10 -79.63
C ARG A 366 -30.11 1.25 -80.31
N GLN A 367 -29.00 1.98 -80.23
CA GLN A 367 -28.79 3.17 -81.07
C GLN A 367 -27.81 2.85 -82.20
N LYS A 368 -26.97 1.87 -81.97
CA LYS A 368 -26.13 1.37 -83.04
C LYS A 368 -27.01 0.63 -84.00
N ASP A 369 -28.02 -0.03 -83.48
CA ASP A 369 -28.93 -0.78 -84.33
C ASP A 369 -29.92 0.17 -84.96
N LEU A 370 -29.69 1.44 -84.71
CA LEU A 370 -30.42 2.48 -85.39
C LEU A 370 -29.63 3.26 -86.43
N GLU A 371 -28.41 3.69 -86.10
CA GLU A 371 -27.61 4.42 -87.07
C GLU A 371 -27.21 3.43 -88.15
N MET A 372 -27.00 2.18 -87.75
CA MET A 372 -26.62 1.15 -88.70
C MET A 372 -27.88 0.59 -89.36
N LYS A 373 -29.01 1.25 -89.21
CA LYS A 373 -30.21 0.77 -89.91
C LYS A 373 -30.86 1.91 -90.65
N THR A 374 -30.39 3.12 -90.37
CA THR A 374 -30.75 4.30 -91.14
C THR A 374 -29.70 4.47 -92.22
N GLN A 375 -28.50 3.97 -91.97
CA GLN A 375 -27.41 4.05 -92.95
C GLN A 375 -27.68 3.05 -94.04
N GLN A 376 -28.58 2.10 -93.78
CA GLN A 376 -28.88 1.03 -94.73
C GLN A 376 -30.21 1.35 -95.40
N LEU A 377 -30.70 2.53 -95.09
CA LEU A 377 -31.82 3.11 -95.80
C LEU A 377 -31.32 3.90 -96.97
N GLU A 378 -30.30 4.70 -96.67
CA GLU A 378 -29.62 5.57 -97.63
C GLU A 378 -28.81 4.79 -98.67
N ILE A 379 -28.92 3.45 -98.68
CA ILE A 379 -28.21 2.69 -99.69
C ILE A 379 -29.11 2.07 -100.75
N LYS A 380 -29.84 1.02 -100.40
CA LYS A 380 -30.73 0.41 -101.38
C LYS A 380 -32.20 0.42 -100.96
N LEU A 381 -32.63 1.54 -100.38
CA LEU A 381 -34.01 1.85 -99.96
C LEU A 381 -35.14 0.91 -100.42
N SER A 382 -35.78 0.22 -99.46
CA SER A 382 -36.93 -0.62 -99.73
C SER A 382 -37.96 -0.52 -98.59
N ASN A 383 -38.84 -1.53 -98.49
CA ASN A 383 -39.87 -1.58 -97.44
C ASN A 383 -39.38 -2.14 -96.10
N LYS A 384 -38.78 -3.35 -96.14
CA LYS A 384 -38.27 -4.03 -94.96
C LYS A 384 -37.27 -3.17 -94.22
N THR A 385 -36.37 -2.52 -94.94
CA THR A 385 -35.38 -1.70 -94.27
C THR A 385 -35.91 -0.27 -94.01
N GLU A 386 -37.24 -0.12 -94.11
CA GLU A 386 -37.95 1.08 -93.64
C GLU A 386 -38.71 0.73 -92.36
N GLU A 387 -39.53 -0.31 -92.45
CA GLU A 387 -40.29 -0.79 -91.29
C GLU A 387 -39.30 -1.18 -90.17
N ASP A 388 -38.12 -1.68 -90.56
CA ASP A 388 -37.04 -1.97 -89.60
C ASP A 388 -36.48 -0.70 -88.97
N ILE A 389 -36.57 0.44 -89.66
CA ILE A 389 -36.11 1.68 -89.04
C ILE A 389 -37.15 2.19 -88.07
N LYS A 390 -38.42 1.94 -88.37
CA LYS A 390 -39.46 2.38 -87.46
C LYS A 390 -39.28 1.54 -86.19
N LYS A 391 -39.12 0.23 -86.39
CA LYS A 391 -39.06 -0.72 -85.29
C LYS A 391 -37.81 -0.51 -84.45
N ALA A 392 -36.62 -0.67 -85.00
CA ALA A 392 -35.45 -0.48 -84.13
C ALA A 392 -35.25 1.01 -83.72
N ARG A 393 -36.13 1.92 -84.16
CA ARG A 393 -36.14 3.28 -83.56
C ARG A 393 -37.13 3.47 -82.40
N ARG A 394 -38.22 2.71 -82.33
CA ARG A 394 -39.03 2.74 -81.10
C ARG A 394 -38.25 1.99 -80.00
N LYS A 395 -37.53 0.95 -80.39
CA LYS A 395 -36.64 0.18 -79.49
C LYS A 395 -35.44 1.02 -79.00
N SER A 396 -35.34 2.24 -79.52
CA SER A 396 -34.31 3.17 -79.12
C SER A 396 -34.95 4.25 -78.26
N THR A 397 -36.24 4.11 -78.02
CA THR A 397 -36.91 5.01 -77.08
C THR A 397 -37.34 4.23 -75.85
N GLN A 398 -37.55 2.93 -76.01
CA GLN A 398 -37.88 2.13 -74.85
C GLN A 398 -36.62 1.96 -74.05
N ALA A 399 -35.47 1.99 -74.70
CA ALA A 399 -34.23 1.84 -73.95
C ALA A 399 -33.91 3.14 -73.23
N GLY A 400 -34.44 4.24 -73.74
CA GLY A 400 -34.34 5.52 -73.07
C GLY A 400 -35.33 5.73 -71.94
N ASP A 401 -36.59 5.34 -72.16
CA ASP A 401 -37.57 5.41 -71.09
C ASP A 401 -37.25 4.38 -70.02
N ASP A 402 -36.41 3.41 -70.36
CA ASP A 402 -35.98 2.45 -69.36
C ASP A 402 -34.84 3.07 -68.58
N LEU A 403 -33.79 3.52 -69.27
CA LEU A 403 -32.68 4.17 -68.60
C LEU A 403 -33.17 5.28 -67.65
N MET A 404 -34.26 5.92 -68.04
CA MET A 404 -34.90 6.93 -67.20
C MET A 404 -35.20 6.39 -65.80
N ARG A 405 -35.97 5.30 -65.75
CA ARG A 405 -36.37 4.73 -64.45
C ARG A 405 -35.15 4.25 -63.73
N CYS A 406 -34.26 3.55 -64.43
CA CYS A 406 -33.12 2.94 -63.76
C CYS A 406 -32.29 3.98 -63.05
N VAL A 407 -32.12 5.13 -63.69
CA VAL A 407 -31.33 6.18 -63.07
C VAL A 407 -32.08 6.89 -61.97
N ASP A 408 -33.36 7.14 -62.20
CA ASP A 408 -34.20 7.72 -61.17
C ASP A 408 -34.20 6.87 -59.87
N LEU A 409 -34.29 5.56 -60.03
CA LEU A 409 -34.32 4.64 -58.90
C LEU A 409 -32.97 4.49 -58.29
N TYR A 410 -31.93 4.61 -59.10
CA TYR A 410 -30.61 4.66 -58.52
C TYR A 410 -30.62 5.81 -57.55
N ASN A 411 -30.96 6.99 -58.07
CA ASN A 411 -30.90 8.23 -57.31
C ASN A 411 -31.71 8.12 -56.05
N GLN A 412 -32.84 7.41 -56.13
CA GLN A 412 -33.67 7.21 -54.95
C GLN A 412 -32.89 6.37 -53.95
N ALA A 413 -32.63 5.12 -54.31
CA ALA A 413 -32.03 4.20 -53.33
C ALA A 413 -30.60 4.60 -52.95
N GLN A 414 -30.18 5.77 -53.41
CA GLN A 414 -28.97 6.40 -52.92
C GLN A 414 -29.30 7.38 -51.84
N SER A 415 -30.24 8.26 -52.14
CA SER A 415 -30.68 9.25 -51.18
C SER A 415 -31.60 8.63 -50.12
N LYS A 416 -31.33 7.36 -49.81
CA LYS A 416 -31.87 6.72 -48.61
C LYS A 416 -30.69 6.18 -47.87
N TRP A 417 -29.71 5.72 -48.62
CA TRP A 417 -28.47 5.38 -47.99
C TRP A 417 -27.86 6.65 -47.54
N PHE A 418 -28.12 7.74 -48.25
CA PHE A 418 -27.53 8.99 -47.79
C PHE A 418 -28.10 9.40 -46.45
N GLU A 419 -29.43 9.41 -46.38
CA GLU A 419 -30.10 9.93 -45.21
C GLU A 419 -29.74 9.08 -44.00
N GLU A 420 -29.82 7.78 -44.23
CA GLU A 420 -29.60 6.83 -43.17
C GLU A 420 -28.15 6.82 -42.75
N MET A 421 -27.27 7.09 -43.69
CA MET A 421 -25.86 7.21 -43.39
C MET A 421 -25.75 8.33 -42.39
N VAL A 422 -26.29 9.49 -42.74
CA VAL A 422 -26.12 10.66 -41.87
C VAL A 422 -26.57 10.38 -40.46
N THR A 423 -27.84 10.04 -40.33
CA THR A 423 -28.38 9.98 -38.98
C THR A 423 -27.78 8.81 -38.19
N THR A 424 -27.52 7.65 -38.81
CA THR A 424 -26.94 6.57 -38.00
C THR A 424 -25.39 6.64 -37.95
N THR A 425 -24.82 7.75 -38.44
CA THR A 425 -23.41 8.02 -38.12
C THR A 425 -23.44 8.89 -36.92
N LEU A 426 -24.35 9.86 -36.95
CA LEU A 426 -24.52 10.76 -35.81
C LEU A 426 -24.84 9.97 -34.56
N GLU A 427 -25.57 8.88 -34.73
CA GLU A 427 -25.89 8.03 -33.61
C GLU A 427 -24.58 7.45 -33.04
N LEU A 428 -23.66 7.13 -33.94
CA LEU A 428 -22.36 6.63 -33.52
C LEU A 428 -21.56 7.71 -32.82
N GLU A 429 -21.51 8.90 -33.39
CA GLU A 429 -20.80 10.02 -32.79
C GLU A 429 -21.28 10.19 -31.35
N ARG A 430 -22.60 10.21 -31.19
CA ARG A 430 -23.19 10.36 -29.89
C ARG A 430 -22.74 9.25 -28.96
N LEU A 431 -22.86 8.01 -29.41
CA LEU A 431 -22.50 6.88 -28.57
C LEU A 431 -21.11 6.99 -28.08
N GLU A 432 -20.26 7.45 -28.97
CA GLU A 432 -18.85 7.48 -28.69
C GLU A 432 -18.64 8.47 -27.59
N VAL A 433 -19.12 9.67 -27.84
CA VAL A 433 -19.01 10.71 -26.85
C VAL A 433 -19.50 10.24 -25.48
N GLU A 434 -20.71 9.69 -25.45
CA GLU A 434 -21.26 9.12 -24.22
C GLU A 434 -20.26 8.19 -23.55
N ARG A 435 -19.58 7.37 -24.36
CA ARG A 435 -18.59 6.45 -23.83
C ARG A 435 -17.51 7.21 -23.14
N VAL A 436 -16.99 8.20 -23.86
CA VAL A 436 -15.85 8.97 -23.40
C VAL A 436 -16.14 9.52 -22.04
N GLU A 437 -17.26 10.24 -21.93
CA GLU A 437 -17.60 10.87 -20.65
C GLU A 437 -17.97 9.83 -19.57
N MET A 438 -18.48 8.67 -19.96
CA MET A 438 -18.70 7.62 -18.96
C MET A 438 -17.35 7.20 -18.36
N ILE A 439 -16.40 6.95 -19.25
CA ILE A 439 -15.06 6.55 -18.82
C ILE A 439 -14.43 7.65 -17.97
N ARG A 440 -14.53 8.88 -18.45
CA ARG A 440 -14.00 10.04 -17.72
C ARG A 440 -14.50 10.01 -16.30
N GLN A 441 -15.82 10.03 -16.18
CA GLN A 441 -16.50 9.98 -14.91
C GLN A 441 -15.98 8.87 -13.99
N HIS A 442 -15.81 7.67 -14.51
CA HIS A 442 -15.47 6.59 -13.60
C HIS A 442 -13.98 6.62 -13.21
N LEU A 443 -13.16 7.18 -14.08
CA LEU A 443 -11.78 7.39 -13.71
C LEU A 443 -11.70 8.41 -12.60
N CYS A 444 -12.48 9.49 -12.76
CA CYS A 444 -12.57 10.61 -11.80
C CYS A 444 -12.91 10.03 -10.46
N GLN A 445 -13.76 9.02 -10.51
CA GLN A 445 -14.08 8.28 -9.31
C GLN A 445 -12.96 7.34 -8.83
N TYR A 446 -12.14 6.85 -9.74
CA TYR A 446 -11.01 6.05 -9.30
C TYR A 446 -10.14 6.95 -8.43
N THR A 447 -9.83 8.16 -8.92
CA THR A 447 -9.01 9.10 -8.17
C THR A 447 -9.68 9.48 -6.85
N GLN A 448 -10.98 9.70 -6.88
CA GLN A 448 -11.68 10.02 -5.63
C GLN A 448 -11.58 8.92 -4.57
N LEU A 449 -11.82 7.69 -4.99
CA LEU A 449 -11.66 6.59 -4.06
C LEU A 449 -10.23 6.54 -3.54
N ARG A 450 -9.27 6.64 -4.46
CA ARG A 450 -7.84 6.64 -4.18
C ARG A 450 -7.64 7.59 -3.01
N HIS A 451 -8.17 8.78 -3.25
CA HIS A 451 -7.99 9.91 -2.37
C HIS A 451 -8.45 9.67 -0.95
N GLU A 452 -9.75 9.44 -0.82
CA GLU A 452 -10.35 9.35 0.50
C GLU A 452 -9.81 8.11 1.19
N THR A 453 -9.37 7.17 0.39
CA THR A 453 -8.73 5.99 0.94
C THR A 453 -7.51 6.38 1.70
N ASP A 454 -6.65 7.14 1.04
CA ASP A 454 -5.41 7.55 1.69
C ASP A 454 -5.70 8.44 2.89
N MET A 455 -6.75 9.25 2.79
CA MET A 455 -7.17 10.06 3.94
C MET A 455 -7.61 9.28 5.18
N PHE A 456 -8.33 8.19 4.97
CA PHE A 456 -8.78 7.35 6.06
C PHE A 456 -7.64 6.52 6.60
N ASN A 457 -6.68 6.25 5.74
CA ASN A 457 -5.47 5.59 6.18
C ASN A 457 -4.66 6.50 7.09
N GLN A 458 -4.47 7.75 6.68
CA GLN A 458 -3.68 8.69 7.47
C GLN A 458 -4.38 9.02 8.78
N SER A 459 -5.49 8.34 9.08
CA SER A 459 -6.21 8.62 10.32
C SER A 459 -6.03 7.51 11.31
N THR A 460 -5.46 6.41 10.85
CA THR A 460 -5.43 5.24 11.68
C THR A 460 -4.28 5.29 12.65
N VAL A 461 -3.51 6.38 12.58
CA VAL A 461 -2.39 6.56 13.50
C VAL A 461 -2.78 7.30 14.77
N GLU A 462 -3.91 8.04 14.75
CA GLU A 462 -4.34 8.85 15.92
C GLU A 462 -4.51 8.11 17.23
N PRO A 463 -4.88 6.81 17.19
CA PRO A 463 -4.84 6.02 18.43
C PRO A 463 -3.43 5.77 18.93
N VAL A 464 -2.53 5.58 17.96
CA VAL A 464 -1.12 5.31 18.21
C VAL A 464 -0.40 6.55 18.70
N ASP A 465 -0.58 7.66 17.99
CA ASP A 465 0.01 8.90 18.48
C ASP A 465 -0.56 9.20 19.88
N GLN A 466 -1.88 9.10 20.03
CA GLN A 466 -2.49 9.48 21.31
C GLN A 466 -1.92 8.63 22.42
N LEU A 467 -1.65 7.37 22.13
CA LEU A 467 -1.14 6.47 23.16
C LEU A 467 0.33 6.62 23.48
N LEU A 468 1.08 7.11 22.49
CA LEU A 468 2.51 7.32 22.66
C LEU A 468 2.80 8.54 23.54
N ARG A 469 1.85 9.46 23.59
CA ARG A 469 1.99 10.65 24.42
C ARG A 469 1.69 10.26 25.87
N LYS A 470 0.97 9.15 26.04
CA LYS A 470 0.64 8.66 27.37
C LYS A 470 1.76 7.78 27.89
N VAL A 471 2.83 7.68 27.13
CA VAL A 471 3.99 6.90 27.54
C VAL A 471 4.83 7.65 28.55
N ASP A 472 4.82 7.16 29.79
CA ASP A 472 5.55 7.74 30.92
C ASP A 472 6.43 6.71 31.61
N PRO A 473 7.76 6.83 31.42
CA PRO A 473 8.65 5.81 31.98
C PRO A 473 8.48 5.71 33.48
N ALA A 474 8.40 6.83 34.18
CA ALA A 474 8.33 6.81 35.63
C ALA A 474 7.04 6.12 36.12
N LYS A 475 5.95 6.28 35.38
CA LYS A 475 4.72 5.61 35.74
C LYS A 475 4.91 4.10 35.64
N ASP A 476 5.55 3.67 34.55
CA ASP A 476 5.81 2.25 34.35
C ASP A 476 6.75 1.65 35.40
N ARG A 477 7.78 2.42 35.75
CA ARG A 477 8.72 2.03 36.79
C ARG A 477 7.94 1.84 38.08
N GLU A 478 6.93 2.68 38.29
CA GLU A 478 6.04 2.48 39.43
C GLU A 478 5.29 1.13 39.27
N LEU A 479 4.54 0.93 38.19
CA LEU A 479 3.72 -0.28 38.07
C LEU A 479 4.51 -1.58 38.04
N TRP A 480 5.82 -1.49 37.87
CA TRP A 480 6.66 -2.70 37.88
C TRP A 480 7.35 -2.87 39.23
N VAL A 481 7.92 -1.80 39.76
CA VAL A 481 8.54 -1.86 41.08
C VAL A 481 7.51 -2.23 42.13
N ARG A 482 6.26 -1.80 41.95
CA ARG A 482 5.22 -2.20 42.86
C ARG A 482 5.06 -3.72 42.85
N GLU A 483 4.86 -4.30 41.67
CA GLU A 483 4.53 -5.71 41.54
C GLU A 483 5.72 -6.65 41.75
N HIS A 484 6.94 -6.15 41.62
CA HIS A 484 8.11 -7.03 41.76
C HIS A 484 9.08 -6.67 42.89
N LYS A 485 8.75 -5.64 43.67
CA LYS A 485 9.63 -5.21 44.75
C LYS A 485 9.90 -6.39 45.68
N THR A 486 10.99 -6.32 46.42
CA THR A 486 11.30 -7.33 47.41
C THR A 486 11.69 -6.59 48.67
N GLY A 487 12.98 -6.32 48.79
CA GLY A 487 13.50 -5.54 49.89
C GLY A 487 12.79 -4.19 49.89
N ASN A 488 12.55 -3.67 51.07
CA ASN A 488 11.91 -2.39 51.21
C ASN A 488 12.83 -1.62 52.14
N ILE A 489 13.52 -2.41 52.95
CA ILE A 489 14.38 -1.97 54.03
C ILE A 489 15.88 -2.13 53.75
N ARG A 490 16.65 -1.09 54.05
CA ARG A 490 18.05 -1.08 53.68
C ARG A 490 18.95 -1.40 54.85
N PRO A 491 19.98 -2.24 54.61
CA PRO A 491 20.93 -2.78 55.58
C PRO A 491 21.55 -1.77 56.55
N VAL A 492 22.05 -2.32 57.65
CA VAL A 492 22.74 -1.58 58.70
C VAL A 492 24.11 -2.25 58.97
N ASP A 493 24.68 -2.06 60.16
CA ASP A 493 25.93 -2.75 60.56
C ASP A 493 25.69 -3.87 61.59
N MET A 494 26.64 -4.07 62.50
CA MET A 494 26.46 -5.01 63.61
C MET A 494 26.83 -4.40 64.98
N THR B 193 19.00 -6.26 66.13
CA THR B 193 19.31 -6.23 64.69
C THR B 193 19.45 -7.65 64.08
N ILE B 194 18.81 -7.87 62.92
CA ILE B 194 18.72 -9.21 62.29
C ILE B 194 19.87 -9.45 61.29
N THR B 195 19.91 -10.64 60.66
CA THR B 195 20.88 -10.93 59.61
C THR B 195 20.43 -12.07 58.71
N ILE B 196 19.95 -11.75 57.51
CA ILE B 196 19.56 -12.79 56.56
C ILE B 196 20.50 -12.79 55.34
N ASN B 197 20.89 -13.99 54.90
CA ASN B 197 21.85 -14.17 53.80
C ASN B 197 23.01 -13.20 53.76
N CYS B 198 23.74 -13.10 54.86
CA CYS B 198 24.97 -12.32 54.96
C CYS B 198 24.76 -10.80 54.95
N VAL B 199 23.51 -10.34 54.88
CA VAL B 199 23.25 -8.90 54.94
C VAL B 199 22.36 -8.53 56.13
N THR B 200 22.84 -7.61 56.95
CA THR B 200 22.16 -7.30 58.20
C THR B 200 21.24 -6.11 58.10
N PHE B 201 19.93 -6.37 58.09
CA PHE B 201 18.93 -5.31 58.20
C PHE B 201 18.67 -5.02 59.66
N PRO B 202 18.11 -3.83 59.96
CA PRO B 202 17.76 -3.76 61.38
C PRO B 202 16.52 -4.61 61.69
N HIS B 203 16.46 -5.10 62.93
CA HIS B 203 15.45 -6.04 63.42
C HIS B 203 14.02 -5.51 63.26
N PRO B 204 13.05 -6.39 62.93
CA PRO B 204 11.64 -5.98 62.78
C PRO B 204 10.94 -5.55 64.07
N ASP B 205 11.60 -4.68 64.84
CA ASP B 205 11.05 -4.15 66.08
C ASP B 205 10.73 -2.66 65.94
N THR B 206 11.10 -1.87 66.97
CA THR B 206 10.94 -0.41 66.94
C THR B 206 11.86 0.13 65.86
N MET B 207 11.37 0.04 64.62
CA MET B 207 12.08 0.51 63.44
C MET B 207 12.10 2.02 63.27
N PRO B 208 13.28 2.65 63.43
CA PRO B 208 13.35 4.10 63.20
C PRO B 208 12.92 4.38 61.75
N GLU B 209 11.75 5.00 61.59
CA GLU B 209 11.17 5.42 60.30
C GLU B 209 11.67 4.74 59.00
N GLN B 210 12.98 4.82 58.73
CA GLN B 210 13.62 4.43 57.47
C GLN B 210 13.19 5.37 56.35
N GLN B 211 13.88 6.51 56.25
CA GLN B 211 13.69 7.46 55.16
C GLN B 211 14.08 6.82 53.83
N LEU B 212 13.21 6.85 52.83
CA LEU B 212 13.57 6.32 51.52
C LEU B 212 14.64 7.16 50.85
N LEU B 213 15.55 6.51 50.13
CA LEU B 213 16.65 7.21 49.46
C LEU B 213 16.14 8.27 48.51
N LYS B 214 15.42 7.80 47.51
CA LYS B 214 14.79 8.63 46.50
C LYS B 214 13.26 8.49 46.65
N PRO B 215 12.60 9.54 47.18
CA PRO B 215 11.19 9.55 47.59
C PRO B 215 10.22 9.70 46.42
N THR B 216 8.97 9.29 46.64
CA THR B 216 7.99 9.09 45.58
C THR B 216 8.53 8.12 44.52
N GLU B 217 9.27 8.66 43.52
CA GLU B 217 9.79 7.90 42.37
C GLU B 217 10.36 6.56 42.80
N TRP B 218 9.80 5.50 42.23
CA TRP B 218 10.05 4.17 42.72
C TRP B 218 11.37 3.72 42.20
N SER B 219 12.39 4.09 42.96
CA SER B 219 13.80 3.92 42.58
C SER B 219 14.21 2.47 42.60
N TYR B 220 15.05 2.07 41.65
CA TYR B 220 15.61 0.72 41.66
C TYR B 220 16.47 0.50 42.92
N CYS B 221 17.05 1.58 43.42
CA CYS B 221 17.91 1.57 44.60
C CYS B 221 17.18 1.69 45.94
N ASP B 222 15.98 1.13 46.04
CA ASP B 222 15.15 1.38 47.21
C ASP B 222 14.28 0.19 47.49
N TYR B 223 13.74 -0.38 46.42
CA TYR B 223 12.73 -1.43 46.53
C TYR B 223 13.30 -2.73 46.07
N PHE B 224 14.62 -2.83 46.11
CA PHE B 224 15.24 -4.12 45.88
C PHE B 224 16.42 -4.28 46.77
N TRP B 225 16.23 -4.95 47.90
CA TRP B 225 17.38 -5.25 48.72
C TRP B 225 17.36 -6.71 49.11
N ALA B 226 16.56 -7.04 50.11
CA ALA B 226 16.45 -8.43 50.55
C ALA B 226 16.11 -9.31 49.34
N ASP B 227 16.66 -10.52 49.34
CA ASP B 227 16.50 -11.43 48.20
C ASP B 227 15.07 -11.96 48.11
N LYS B 228 14.84 -12.95 47.25
CA LYS B 228 13.50 -13.55 47.15
C LYS B 228 13.66 -15.01 46.76
N LYS B 229 12.86 -15.89 47.35
CA LYS B 229 12.96 -17.30 46.99
C LYS B 229 11.97 -17.65 45.88
N ASP B 230 12.46 -18.44 44.92
CA ASP B 230 11.63 -19.05 43.87
C ASP B 230 10.48 -19.78 44.56
N PRO B 231 9.23 -19.53 44.10
CA PRO B 231 8.02 -20.08 44.74
C PRO B 231 8.16 -21.53 45.29
N GLN B 232 8.93 -22.38 44.62
CA GLN B 232 9.22 -23.75 45.06
C GLN B 232 10.00 -23.85 46.39
N GLY B 233 11.20 -24.42 46.31
CA GLY B 233 12.07 -24.59 47.45
C GLY B 233 13.46 -24.12 47.08
N ASN B 234 13.76 -24.21 45.78
CA ASN B 234 15.04 -23.75 45.26
C ASN B 234 14.92 -22.83 44.04
N GLY B 235 15.88 -21.90 43.99
CA GLY B 235 15.86 -20.80 43.03
C GLY B 235 15.72 -19.50 43.81
N THR B 236 16.36 -19.43 44.98
CA THR B 236 16.21 -18.28 45.88
C THR B 236 17.29 -17.22 45.62
N VAL B 237 17.02 -16.36 44.64
CA VAL B 237 18.01 -15.46 44.04
C VAL B 237 18.06 -14.07 44.64
N ALA B 238 19.03 -13.30 44.15
CA ALA B 238 19.45 -12.02 44.71
C ALA B 238 18.45 -10.88 44.49
N GLY B 239 18.39 -9.96 45.44
CA GLY B 239 17.42 -8.87 45.38
C GLY B 239 17.76 -7.87 44.30
N PHE B 240 18.27 -8.37 43.17
CA PHE B 240 18.83 -7.56 42.08
C PHE B 240 18.71 -8.31 40.77
N GLU B 241 18.75 -9.63 40.85
CA GLU B 241 18.80 -10.48 39.66
C GLU B 241 17.58 -10.21 38.78
N LEU B 242 16.52 -9.77 39.44
CA LEU B 242 15.28 -9.39 38.75
C LEU B 242 15.48 -8.12 37.93
N LEU B 243 16.37 -7.24 38.38
CA LEU B 243 16.64 -6.00 37.66
C LEU B 243 17.35 -6.31 36.35
N LEU B 244 18.32 -7.22 36.41
CA LEU B 244 18.89 -7.77 35.18
C LEU B 244 17.88 -8.40 34.26
N GLN B 245 17.05 -9.31 34.78
CA GLN B 245 16.07 -9.95 33.91
C GLN B 245 15.18 -8.89 33.24
N LYS B 246 14.84 -7.82 33.98
CA LYS B 246 14.04 -6.74 33.40
C LYS B 246 14.83 -6.05 32.28
N GLN B 247 16.12 -5.80 32.54
CA GLN B 247 16.96 -5.14 31.55
C GLN B 247 17.06 -5.97 30.27
N LEU B 248 17.29 -7.25 30.45
CA LEU B 248 17.54 -8.18 29.36
C LEU B 248 16.29 -8.40 28.55
N LYS B 249 15.17 -8.59 29.24
CA LYS B 249 13.88 -8.67 28.56
C LYS B 249 13.65 -7.37 27.81
N GLY B 250 14.12 -6.26 28.36
CA GLY B 250 14.00 -4.96 27.71
C GLY B 250 14.64 -4.92 26.34
N LYS B 251 15.95 -5.19 26.32
CA LYS B 251 16.70 -5.24 25.08
C LYS B 251 16.07 -6.32 24.17
N GLN B 252 15.43 -7.31 24.80
CA GLN B 252 14.72 -8.35 24.05
C GLN B 252 13.49 -7.79 23.30
N MET B 253 12.59 -7.14 24.03
CA MET B 253 11.44 -6.46 23.45
C MET B 253 11.89 -5.67 22.26
N GLN B 254 12.89 -4.84 22.52
CA GLN B 254 13.52 -3.99 21.52
C GLN B 254 13.74 -4.76 20.22
N LYS B 255 14.47 -5.87 20.32
CA LYS B 255 14.72 -6.65 19.11
C LYS B 255 13.42 -7.13 18.42
N GLU B 256 12.49 -7.67 19.21
CA GLU B 256 11.24 -8.22 18.62
C GLU B 256 10.51 -7.11 17.87
N MET B 257 10.45 -5.93 18.47
CA MET B 257 9.87 -4.76 17.82
C MET B 257 10.50 -4.55 16.44
N SER B 258 11.83 -4.50 16.42
CA SER B 258 12.53 -4.30 15.15
C SER B 258 12.13 -5.38 14.13
N GLU B 259 11.96 -6.61 14.61
CA GLU B 259 11.61 -7.72 13.72
C GLU B 259 10.24 -7.48 13.11
N PHE B 260 9.37 -6.92 13.93
CA PHE B 260 8.02 -6.55 13.50
C PHE B 260 8.10 -5.57 12.34
N ILE B 261 8.86 -4.49 12.56
CA ILE B 261 9.02 -3.49 11.51
C ILE B 261 9.59 -4.16 10.25
N ARG B 262 10.54 -5.10 10.38
CA ARG B 262 11.10 -5.79 9.20
C ARG B 262 9.91 -6.36 8.44
N GLU B 263 9.06 -7.11 9.14
CA GLU B 263 7.91 -7.73 8.46
C GLU B 263 7.09 -6.68 7.72
N ARG B 264 6.78 -5.57 8.39
CA ARG B 264 6.07 -4.46 7.75
C ARG B 264 6.75 -4.00 6.46
N ILE B 265 8.08 -3.94 6.52
CA ILE B 265 8.89 -3.47 5.41
C ILE B 265 8.80 -4.42 4.25
N LYS B 266 8.89 -5.71 4.55
CA LYS B 266 8.78 -6.74 3.53
C LYS B 266 7.42 -6.63 2.84
N ILE B 267 6.38 -6.47 3.65
CA ILE B 267 5.03 -6.28 3.12
C ILE B 267 4.99 -5.11 2.15
N GLU B 268 5.54 -3.99 2.61
CA GLU B 268 5.53 -2.77 1.84
C GLU B 268 6.22 -2.95 0.52
N GLU B 269 7.39 -3.56 0.58
CA GLU B 269 8.19 -3.81 -0.61
C GLU B 269 7.33 -4.53 -1.61
N GLU B 270 6.65 -5.57 -1.15
CA GLU B 270 5.94 -6.38 -2.10
C GLU B 270 4.80 -5.55 -2.72
N TYR B 271 4.07 -4.82 -1.87
CA TYR B 271 2.99 -3.96 -2.34
C TYR B 271 3.52 -3.05 -3.49
N ALA B 272 4.71 -2.49 -3.29
CA ALA B 272 5.28 -1.62 -4.31
C ALA B 272 5.66 -2.40 -5.59
N LYS B 273 6.22 -3.59 -5.40
CA LYS B 273 6.67 -4.40 -6.53
C LYS B 273 5.47 -4.64 -7.45
N ASN B 274 4.32 -4.91 -6.83
CA ASN B 274 3.10 -5.20 -7.57
C ASN B 274 2.50 -3.98 -8.26
N LEU B 275 2.45 -2.86 -7.55
CA LEU B 275 1.96 -1.63 -8.18
C LEU B 275 2.82 -1.25 -9.35
N ALA B 276 4.12 -1.51 -9.21
CA ALA B 276 5.08 -1.22 -10.25
C ALA B 276 4.83 -2.07 -11.47
N LYS B 277 4.72 -3.37 -11.25
CA LYS B 277 4.47 -4.30 -12.34
C LYS B 277 3.15 -3.93 -13.05
N LEU B 278 2.14 -3.54 -12.29
CA LEU B 278 0.87 -3.18 -12.91
C LEU B 278 1.02 -1.89 -13.68
N SER B 279 1.91 -1.03 -13.23
CA SER B 279 1.99 0.30 -13.82
C SER B 279 2.58 0.19 -15.21
N GLN B 280 3.29 -0.90 -15.46
CA GLN B 280 3.94 -1.07 -16.74
C GLN B 280 3.02 -1.79 -17.71
N ASN B 281 1.93 -2.33 -17.16
CA ASN B 281 1.01 -3.17 -17.92
C ASN B 281 0.42 -2.44 -19.14
N SER B 282 0.18 -3.23 -20.18
CA SER B 282 -0.01 -2.74 -21.53
C SER B 282 -1.44 -2.37 -21.85
N LEU B 283 -2.31 -2.52 -20.85
CA LEU B 283 -3.76 -2.40 -21.00
C LEU B 283 -4.29 -1.07 -21.49
N ALA B 284 -5.36 -1.16 -22.29
CA ALA B 284 -6.05 0.00 -22.85
C ALA B 284 -5.11 1.00 -23.49
N ALA B 285 -4.01 0.49 -24.05
CA ALA B 285 -2.96 1.35 -24.53
C ALA B 285 -3.42 2.22 -25.69
N GLN B 286 -4.03 1.57 -26.69
CA GLN B 286 -4.41 2.24 -27.94
C GLN B 286 -5.50 3.28 -27.75
N GLU B 287 -5.87 3.58 -26.51
CA GLU B 287 -6.80 4.68 -26.29
C GLU B 287 -6.10 5.98 -26.64
N GLU B 288 -6.62 6.67 -27.66
CA GLU B 288 -5.99 7.89 -28.16
C GLU B 288 -6.79 9.06 -27.65
N GLY B 289 -6.19 10.24 -27.77
CA GLY B 289 -6.89 11.46 -27.39
C GLY B 289 -6.66 11.82 -25.94
N SER B 290 -7.26 12.92 -25.49
CA SER B 290 -7.06 13.47 -24.15
C SER B 290 -7.44 12.45 -23.11
N LEU B 291 -8.42 11.64 -23.47
CA LEU B 291 -8.85 10.53 -22.63
C LEU B 291 -7.73 9.51 -22.56
N GLY B 292 -7.13 9.25 -23.71
CA GLY B 292 -6.00 8.34 -23.75
C GLY B 292 -4.88 8.79 -22.83
N GLU B 293 -4.47 10.05 -22.99
CA GLU B 293 -3.40 10.62 -22.18
C GLU B 293 -3.76 10.44 -20.73
N ALA B 294 -5.04 10.68 -20.42
CA ALA B 294 -5.53 10.53 -19.05
C ALA B 294 -5.35 9.11 -18.50
N TRP B 295 -5.78 8.11 -19.27
CA TRP B 295 -5.65 6.74 -18.82
C TRP B 295 -4.18 6.46 -18.59
N ALA B 296 -3.38 6.80 -19.60
CA ALA B 296 -1.95 6.62 -19.49
C ALA B 296 -1.42 7.15 -18.16
N GLN B 297 -1.84 8.36 -17.81
CA GLN B 297 -1.37 8.94 -16.56
C GLN B 297 -1.89 8.17 -15.35
N VAL B 298 -3.05 7.51 -15.45
CA VAL B 298 -3.47 6.64 -14.35
C VAL B 298 -2.44 5.50 -14.20
N LYS B 299 -2.15 4.87 -15.34
CA LYS B 299 -1.26 3.70 -15.37
C LYS B 299 0.10 4.09 -14.80
N LYS B 300 0.52 5.32 -15.08
CA LYS B 300 1.76 5.85 -14.53
C LYS B 300 1.63 6.13 -13.03
N SER B 301 0.51 6.73 -12.63
CA SER B 301 0.28 7.14 -11.26
C SER B 301 0.42 5.93 -10.34
N LEU B 302 0.21 4.74 -10.89
CA LEU B 302 0.46 3.55 -10.08
C LEU B 302 1.94 3.39 -9.79
N ALA B 303 2.77 3.77 -10.76
CA ALA B 303 4.22 3.72 -10.58
C ALA B 303 4.63 4.74 -9.54
N ASP B 304 4.17 5.98 -9.69
CA ASP B 304 4.45 7.00 -8.67
C ASP B 304 4.14 6.44 -7.28
N GLU B 305 2.95 5.86 -7.20
CA GLU B 305 2.43 5.31 -5.98
C GLU B 305 3.42 4.29 -5.43
N ALA B 306 3.88 3.44 -6.36
CA ALA B 306 4.81 2.36 -6.03
C ALA B 306 6.04 2.92 -5.36
N GLU B 307 6.57 3.96 -6.00
CA GLU B 307 7.72 4.67 -5.47
C GLU B 307 7.48 5.12 -4.07
N VAL B 308 6.38 5.86 -3.87
CA VAL B 308 6.07 6.42 -2.57
C VAL B 308 6.15 5.35 -1.49
N HIS B 309 5.50 4.22 -1.75
CA HIS B 309 5.45 3.13 -0.76
C HIS B 309 6.79 2.45 -0.56
N LEU B 310 7.59 2.47 -1.61
CA LEU B 310 8.92 1.91 -1.53
C LEU B 310 9.84 2.78 -0.69
N LYS B 311 9.94 4.06 -1.05
CA LYS B 311 10.67 5.04 -0.27
C LYS B 311 10.27 4.90 1.18
N PHE B 312 8.97 4.75 1.42
CA PHE B 312 8.49 4.53 2.77
C PHE B 312 9.09 3.25 3.39
N SER B 313 9.20 2.18 2.61
CA SER B 313 9.78 0.95 3.17
C SER B 313 11.21 1.22 3.63
N ALA B 314 11.93 1.97 2.80
CA ALA B 314 13.32 2.29 3.05
C ALA B 314 13.46 3.15 4.29
N LYS B 315 12.75 4.27 4.37
CA LYS B 315 12.80 5.09 5.58
C LYS B 315 12.43 4.24 6.80
N LEU B 316 11.60 3.22 6.63
CA LEU B 316 11.28 2.35 7.75
C LEU B 316 12.52 1.67 8.23
N HIS B 317 13.26 1.13 7.27
CA HIS B 317 14.51 0.44 7.58
C HIS B 317 15.52 1.36 8.24
N SER B 318 15.60 2.58 7.72
CA SER B 318 16.60 3.56 8.11
C SER B 318 16.33 4.14 9.47
N GLU B 319 15.12 4.63 9.65
CA GLU B 319 14.82 5.45 10.79
C GLU B 319 14.09 4.70 11.91
N VAL B 320 13.64 3.48 11.64
CA VAL B 320 12.91 2.75 12.67
C VAL B 320 13.46 1.38 12.92
N GLU B 321 13.74 0.63 11.85
CA GLU B 321 14.21 -0.72 12.07
C GLU B 321 15.63 -0.74 12.65
N LYS B 322 16.61 -0.26 11.88
CA LYS B 322 17.99 -0.31 12.35
C LYS B 322 18.19 0.28 13.75
N PRO B 323 17.77 1.52 13.99
CA PRO B 323 18.14 2.05 15.31
C PRO B 323 17.51 1.30 16.49
N LEU B 324 16.67 0.31 16.22
CA LEU B 324 16.11 -0.49 17.30
C LEU B 324 16.97 -1.71 17.52
N MET B 325 17.40 -2.29 16.42
CA MET B 325 18.29 -3.44 16.46
C MET B 325 19.58 -3.00 17.08
N ASN B 326 20.25 -2.08 16.40
CA ASN B 326 21.54 -1.59 16.84
C ASN B 326 21.39 -0.50 17.86
N PHE B 327 20.74 -0.79 18.98
CA PHE B 327 20.76 0.16 20.09
C PHE B 327 21.38 -0.51 21.31
N ARG B 328 22.58 -0.06 21.67
CA ARG B 328 23.41 -0.73 22.67
C ARG B 328 23.61 -2.15 22.21
N GLU B 329 24.54 -2.31 21.27
CA GLU B 329 24.62 -3.52 20.48
C GLU B 329 24.89 -4.76 21.31
N ASN B 330 26.07 -4.82 21.92
CA ASN B 330 26.27 -5.77 23.00
C ASN B 330 25.80 -5.07 24.26
N PHE B 331 24.71 -5.57 24.80
CA PHE B 331 24.14 -4.97 25.99
C PHE B 331 23.84 -6.07 26.96
N LYS B 332 23.53 -7.25 26.43
CA LYS B 332 23.36 -8.40 27.30
C LYS B 332 24.71 -8.72 27.90
N LYS B 333 25.78 -8.29 27.25
CA LYS B 333 27.13 -8.52 27.72
C LYS B 333 27.47 -7.53 28.84
N ASP B 334 27.19 -6.25 28.60
CA ASP B 334 27.47 -5.19 29.57
C ASP B 334 26.65 -5.43 30.84
N MET B 335 25.49 -6.03 30.63
CA MET B 335 24.60 -6.36 31.75
C MET B 335 25.07 -7.60 32.51
N LYS B 336 25.50 -8.64 31.81
CA LYS B 336 25.96 -9.84 32.50
C LYS B 336 27.34 -9.62 33.17
N LYS B 337 28.06 -8.54 32.83
CA LYS B 337 29.29 -8.21 33.55
C LYS B 337 28.92 -7.35 34.76
N CYS B 338 27.97 -6.47 34.53
CA CYS B 338 27.45 -5.65 35.59
C CYS B 338 26.74 -6.56 36.62
N ASP B 339 26.52 -7.82 36.26
CA ASP B 339 25.90 -8.75 37.20
C ASP B 339 26.88 -9.32 38.17
N HIS B 340 27.83 -10.07 37.62
CA HIS B 340 28.71 -10.80 38.48
C HIS B 340 29.65 -9.80 39.19
N HIS B 341 29.68 -8.54 38.75
CA HIS B 341 30.42 -7.59 39.58
C HIS B 341 29.71 -7.36 40.91
N ILE B 342 28.40 -7.54 40.94
CA ILE B 342 27.66 -7.49 42.21
C ILE B 342 27.78 -8.83 42.91
N ALA B 343 27.53 -9.91 42.17
CA ALA B 343 27.63 -11.26 42.73
C ALA B 343 28.95 -11.40 43.50
N ASP B 344 30.04 -10.90 42.93
CA ASP B 344 31.36 -10.99 43.54
C ASP B 344 31.41 -10.27 44.90
N LEU B 345 30.77 -9.12 44.99
CA LEU B 345 30.72 -8.39 46.25
C LEU B 345 29.85 -9.12 47.27
N ARG B 346 28.88 -9.89 46.78
CA ARG B 346 28.04 -10.67 47.69
C ARG B 346 28.79 -11.90 48.21
N LYS B 347 29.69 -12.46 47.39
CA LYS B 347 30.59 -13.52 47.83
C LYS B 347 31.58 -12.95 48.89
N GLN B 348 32.20 -11.80 48.59
CA GLN B 348 33.07 -11.09 49.56
C GLN B 348 32.30 -10.60 50.78
N LEU B 349 30.97 -10.69 50.73
CA LEU B 349 30.17 -10.46 51.92
C LEU B 349 30.06 -11.77 52.73
N ALA B 350 29.69 -12.85 52.04
CA ALA B 350 29.53 -14.17 52.68
C ALA B 350 30.79 -14.75 53.33
N SER B 351 31.97 -14.42 52.79
CA SER B 351 33.23 -14.88 53.40
C SER B 351 33.49 -14.14 54.72
N ARG B 352 33.17 -12.84 54.78
CA ARG B 352 33.28 -12.09 56.03
C ARG B 352 32.23 -12.54 57.04
N TYR B 353 31.10 -13.02 56.56
CA TYR B 353 30.08 -13.64 57.42
C TYR B 353 30.59 -14.94 58.07
N ALA B 354 31.09 -15.86 57.25
CA ALA B 354 31.76 -17.04 57.80
C ALA B 354 32.91 -16.63 58.73
N SER B 355 33.68 -15.61 58.34
CA SER B 355 34.80 -15.08 59.14
C SER B 355 34.36 -14.58 60.50
N VAL B 356 33.16 -14.01 60.60
CA VAL B 356 32.66 -13.58 61.91
C VAL B 356 32.13 -14.79 62.71
N GLU B 357 31.36 -15.69 62.09
CA GLU B 357 30.93 -16.89 62.86
C GLU B 357 32.11 -17.70 63.44
N LYS B 358 33.11 -18.04 62.62
CA LYS B 358 34.33 -18.71 63.11
C LYS B 358 35.34 -17.74 63.77
N ALA B 359 34.81 -16.69 64.40
CA ALA B 359 35.58 -15.75 65.24
C ALA B 359 34.59 -15.08 66.21
N ARG B 360 33.39 -15.66 66.26
CA ARG B 360 32.38 -15.39 67.28
C ARG B 360 32.31 -16.57 68.25
N LYS B 361 32.49 -17.76 67.70
CA LYS B 361 32.67 -18.95 68.51
C LYS B 361 34.01 -18.87 69.23
N ALA B 362 34.99 -18.24 68.59
CA ALA B 362 36.32 -18.02 69.17
C ALA B 362 36.18 -17.24 70.49
N LEU B 363 35.34 -16.21 70.51
CA LEU B 363 35.05 -15.48 71.75
C LEU B 363 34.24 -16.30 72.75
N THR B 364 32.96 -16.58 72.42
CA THR B 364 32.03 -17.26 73.34
C THR B 364 32.44 -18.66 73.86
N GLU B 365 32.99 -19.52 73.00
CA GLU B 365 33.42 -20.86 73.43
C GLU B 365 34.77 -20.83 74.22
N ARG B 366 35.54 -19.75 74.08
CA ARG B 366 36.76 -19.53 74.88
C ARG B 366 36.56 -18.43 75.95
N GLN B 367 35.29 -18.22 76.32
CA GLN B 367 34.90 -17.48 77.53
C GLN B 367 34.65 -18.51 78.65
N LYS B 368 34.57 -19.77 78.24
CA LYS B 368 34.60 -20.91 79.16
C LYS B 368 35.99 -20.95 79.80
N ASP B 369 36.98 -20.38 79.10
CA ASP B 369 38.38 -20.22 79.56
C ASP B 369 38.62 -19.03 80.53
N LEU B 370 37.57 -18.29 80.87
CA LEU B 370 37.67 -17.30 81.94
C LEU B 370 36.87 -17.87 83.12
N GLU B 371 35.76 -18.53 82.80
CA GLU B 371 34.90 -19.20 83.78
C GLU B 371 35.53 -20.48 84.38
N MET B 372 36.33 -21.21 83.61
CA MET B 372 37.04 -22.42 84.09
C MET B 372 38.38 -22.09 84.74
N LYS B 373 38.55 -20.81 85.14
CA LYS B 373 39.75 -20.38 85.85
C LYS B 373 39.39 -19.64 87.14
N THR B 374 38.11 -19.33 87.32
CA THR B 374 37.64 -18.96 88.65
C THR B 374 36.93 -20.17 89.29
N GLN B 375 36.34 -21.05 88.47
CA GLN B 375 35.66 -22.29 88.93
C GLN B 375 36.55 -23.53 89.12
N GLN B 376 37.64 -23.63 88.35
CA GLN B 376 38.54 -24.78 88.42
C GLN B 376 39.94 -24.47 88.96
N LEU B 377 40.16 -23.21 89.34
CA LEU B 377 41.37 -22.83 90.08
C LEU B 377 41.05 -22.93 91.56
N GLU B 378 39.75 -22.99 91.88
CA GLU B 378 39.27 -23.13 93.27
C GLU B 378 39.65 -24.49 93.93
N ILE B 379 40.47 -25.28 93.23
CA ILE B 379 41.02 -26.55 93.75
C ILE B 379 42.50 -26.36 94.10
N LYS B 380 43.35 -26.14 93.09
CA LYS B 380 44.78 -25.94 93.32
C LYS B 380 45.08 -24.50 93.81
N LEU B 381 45.22 -23.55 92.88
CA LEU B 381 45.42 -22.12 93.18
C LEU B 381 46.73 -21.74 93.90
N SER B 382 47.15 -20.49 93.66
CA SER B 382 48.31 -19.83 94.32
C SER B 382 49.71 -20.30 93.89
N ASN B 383 49.77 -21.40 93.13
CA ASN B 383 51.05 -21.93 92.64
C ASN B 383 51.58 -21.17 91.44
N LYS B 384 52.61 -21.68 90.77
CA LYS B 384 53.13 -21.07 89.53
C LYS B 384 52.10 -21.09 88.38
N THR B 385 50.81 -20.87 88.70
CA THR B 385 49.71 -20.87 87.70
C THR B 385 49.54 -19.51 86.99
N GLU B 386 50.55 -18.65 87.05
CA GLU B 386 50.59 -17.41 86.26
C GLU B 386 50.37 -17.70 84.77
N GLU B 387 49.18 -18.23 84.46
CA GLU B 387 48.80 -18.67 83.12
C GLU B 387 47.28 -18.92 83.06
N ASP B 388 46.69 -19.35 84.17
CA ASP B 388 45.26 -19.59 84.22
C ASP B 388 44.45 -18.30 84.13
N ILE B 389 44.80 -17.33 84.98
CA ILE B 389 44.17 -16.00 84.94
C ILE B 389 44.91 -15.06 83.98
N LYS B 390 46.21 -15.26 83.79
CA LYS B 390 46.96 -14.45 82.83
C LYS B 390 46.85 -14.87 81.34
N LYS B 391 47.17 -16.13 81.02
CA LYS B 391 47.15 -16.61 79.62
C LYS B 391 45.75 -17.05 79.13
N ALA B 392 45.16 -18.07 79.74
CA ALA B 392 43.86 -18.63 79.31
C ALA B 392 42.65 -17.71 79.55
N ARG B 393 42.88 -16.52 80.12
CA ARG B 393 41.86 -15.48 80.16
C ARG B 393 41.94 -14.68 78.88
N ARG B 394 43.11 -14.73 78.24
CA ARG B 394 43.30 -14.08 76.95
C ARG B 394 42.47 -14.70 75.82
N LYS B 395 42.19 -16.01 75.87
CA LYS B 395 41.28 -16.59 74.87
C LYS B 395 39.86 -16.05 75.03
N SER B 396 39.64 -15.23 76.06
CA SER B 396 38.40 -14.49 76.21
C SER B 396 38.68 -12.96 76.04
N THR B 397 39.96 -12.59 75.83
CA THR B 397 40.39 -11.20 75.50
C THR B 397 41.07 -11.05 74.11
N GLN B 398 41.67 -12.13 73.61
CA GLN B 398 42.24 -12.21 72.25
C GLN B 398 41.15 -12.49 71.21
N ALA B 399 40.10 -13.18 71.67
CA ALA B 399 38.90 -13.53 70.88
C ALA B 399 37.87 -12.41 70.78
N GLY B 400 38.01 -11.39 71.62
CA GLY B 400 37.26 -10.14 71.51
C GLY B 400 37.92 -9.32 70.41
N ASP B 401 39.25 -9.46 70.37
CA ASP B 401 40.10 -8.92 69.33
C ASP B 401 39.90 -9.67 67.98
N ASP B 402 39.22 -10.81 68.03
CA ASP B 402 38.85 -11.55 66.81
C ASP B 402 37.57 -11.01 66.19
N LEU B 403 36.49 -11.13 66.96
CA LEU B 403 35.17 -10.64 66.55
C LEU B 403 35.26 -9.14 66.20
N MET B 404 36.08 -8.36 66.92
CA MET B 404 36.27 -6.95 66.57
C MET B 404 36.67 -6.74 65.10
N ARG B 405 37.76 -7.38 64.70
CA ARG B 405 38.30 -7.22 63.36
C ARG B 405 37.36 -7.84 62.31
N CYS B 406 36.85 -9.06 62.56
CA CYS B 406 35.96 -9.72 61.59
C CYS B 406 34.62 -9.00 61.34
N VAL B 407 34.03 -8.43 62.38
CA VAL B 407 32.80 -7.65 62.20
C VAL B 407 33.13 -6.28 61.60
N ASP B 408 34.29 -5.71 61.95
CA ASP B 408 34.76 -4.52 61.23
C ASP B 408 34.87 -4.70 59.70
N LEU B 409 35.49 -5.81 59.28
CA LEU B 409 35.66 -6.10 57.84
C LEU B 409 34.40 -6.64 57.15
N TYR B 410 33.56 -7.37 57.88
CA TYR B 410 32.22 -7.66 57.37
C TYR B 410 31.51 -6.34 57.08
N ASN B 411 31.36 -5.51 58.11
CA ASN B 411 30.64 -4.23 58.01
C ASN B 411 31.21 -3.28 56.96
N GLN B 412 32.53 -3.35 56.75
CA GLN B 412 33.20 -2.63 55.67
C GLN B 412 32.79 -3.17 54.30
N ALA B 413 33.13 -4.44 54.04
CA ALA B 413 32.86 -5.07 52.74
C ALA B 413 31.37 -5.35 52.51
N GLN B 414 30.52 -4.81 53.39
CA GLN B 414 29.08 -4.78 53.16
C GLN B 414 28.70 -3.41 52.61
N SER B 415 29.04 -2.36 53.34
CA SER B 415 28.75 -0.99 52.91
C SER B 415 29.79 -0.56 51.85
N LYS B 416 30.23 -1.54 51.06
CA LYS B 416 31.00 -1.34 49.84
C LYS B 416 30.27 -2.07 48.74
N TRP B 417 29.62 -3.17 49.10
CA TRP B 417 28.62 -3.81 48.24
C TRP B 417 27.38 -2.94 48.22
N PHE B 418 27.07 -2.33 49.36
CA PHE B 418 25.88 -1.50 49.44
C PHE B 418 25.93 -0.29 48.52
N GLU B 419 27.02 0.48 48.62
CA GLU B 419 27.07 1.69 47.81
C GLU B 419 27.22 1.41 46.33
N GLU B 420 27.98 0.39 45.96
CA GLU B 420 28.08 0.08 44.54
C GLU B 420 26.74 -0.54 44.08
N MET B 421 25.99 -1.15 44.99
CA MET B 421 24.58 -1.54 44.73
C MET B 421 23.72 -0.30 44.39
N VAL B 422 23.69 0.69 45.28
CA VAL B 422 22.90 1.89 45.04
C VAL B 422 23.23 2.48 43.68
N THR B 423 24.51 2.80 43.45
CA THR B 423 24.84 3.52 42.23
C THR B 423 24.62 2.66 40.98
N THR B 424 24.90 1.35 41.03
CA THR B 424 24.69 0.58 39.79
C THR B 424 23.25 0.00 39.67
N THR B 425 22.34 0.38 40.56
CA THR B 425 20.91 0.17 40.26
C THR B 425 20.40 1.46 39.67
N LEU B 426 20.83 2.57 40.23
CA LEU B 426 20.44 3.84 39.64
C LEU B 426 20.87 3.86 38.18
N GLU B 427 22.05 3.31 37.88
CA GLU B 427 22.51 3.28 36.49
C GLU B 427 21.55 2.47 35.62
N LEU B 428 20.99 1.40 36.20
CA LEU B 428 20.01 0.60 35.49
C LEU B 428 18.74 1.37 35.23
N GLU B 429 18.20 1.95 36.29
CA GLU B 429 16.96 2.71 36.22
C GLU B 429 17.07 3.75 35.11
N ARG B 430 18.18 4.49 35.14
CA ARG B 430 18.45 5.49 34.13
C ARG B 430 18.50 4.91 32.73
N LEU B 431 19.27 3.84 32.56
CA LEU B 431 19.36 3.20 31.26
C LEU B 431 17.97 2.77 30.76
N GLU B 432 17.10 2.34 31.68
CA GLU B 432 15.77 1.88 31.34
C GLU B 432 14.93 3.01 30.83
N VAL B 433 14.82 4.05 31.65
CA VAL B 433 14.08 5.25 31.26
C VAL B 433 14.52 5.67 29.88
N GLU B 434 15.83 5.74 29.70
CA GLU B 434 16.42 6.00 28.40
C GLU B 434 15.86 5.09 27.29
N ARG B 435 15.74 3.80 27.57
CA ARG B 435 15.23 2.84 26.59
C ARG B 435 13.82 3.20 26.20
N VAL B 436 12.98 3.40 27.22
CA VAL B 436 11.59 3.73 26.99
C VAL B 436 11.55 4.92 26.07
N GLU B 437 12.25 5.97 26.43
CA GLU B 437 12.14 7.23 25.70
C GLU B 437 12.65 7.05 24.29
N MET B 438 13.62 6.17 24.10
CA MET B 438 14.14 5.88 22.76
C MET B 438 13.04 5.19 21.93
N ILE B 439 12.44 4.16 22.49
CA ILE B 439 11.40 3.43 21.77
C ILE B 439 10.25 4.34 21.42
N ARG B 440 9.79 5.11 22.41
CA ARG B 440 8.73 6.09 22.23
C ARG B 440 9.10 6.98 21.05
N GLN B 441 10.32 7.51 21.08
CA GLN B 441 10.84 8.36 20.02
C GLN B 441 10.72 7.73 18.62
N HIS B 442 11.14 6.49 18.51
CA HIS B 442 11.19 5.85 17.21
C HIS B 442 9.83 5.33 16.74
N LEU B 443 8.97 5.06 17.69
CA LEU B 443 7.60 4.74 17.38
C LEU B 443 6.96 6.00 16.83
N CYS B 444 7.19 7.13 17.50
CA CYS B 444 6.68 8.40 16.98
C CYS B 444 7.19 8.61 15.58
N GLN B 445 8.43 8.22 15.31
CA GLN B 445 8.90 8.32 13.94
C GLN B 445 8.20 7.29 13.02
N TYR B 446 7.76 6.14 13.54
CA TYR B 446 7.01 5.20 12.72
C TYR B 446 5.69 5.88 12.31
N THR B 447 4.97 6.44 13.28
CA THR B 447 3.70 7.07 12.95
C THR B 447 3.94 8.17 11.95
N GLN B 448 4.99 8.94 12.21
CA GLN B 448 5.34 10.07 11.39
C GLN B 448 5.56 9.68 9.94
N LEU B 449 6.37 8.64 9.75
CA LEU B 449 6.61 8.14 8.42
C LEU B 449 5.31 7.68 7.81
N ARG B 450 4.51 6.93 8.57
CA ARG B 450 3.22 6.49 8.07
C ARG B 450 2.50 7.66 7.48
N HIS B 451 2.38 8.67 8.31
CA HIS B 451 1.56 9.83 8.08
C HIS B 451 1.95 10.54 6.81
N GLU B 452 3.23 10.85 6.73
CA GLU B 452 3.74 11.60 5.59
C GLU B 452 3.72 10.76 4.33
N THR B 453 3.83 9.44 4.50
CA THR B 453 3.73 8.51 3.39
C THR B 453 2.34 8.57 2.77
N ASP B 454 1.33 8.45 3.61
CA ASP B 454 -0.03 8.42 3.12
C ASP B 454 -0.27 9.74 2.46
N MET B 455 0.26 10.80 3.05
CA MET B 455 0.06 12.12 2.46
C MET B 455 0.67 12.19 1.04
N PHE B 456 1.85 11.61 0.84
CA PHE B 456 2.45 11.68 -0.49
C PHE B 456 1.72 10.77 -1.44
N ASN B 457 1.08 9.73 -0.91
CA ASN B 457 0.34 8.87 -1.78
C ASN B 457 -0.88 9.61 -2.32
N GLN B 458 -1.66 10.19 -1.42
CA GLN B 458 -2.92 10.80 -1.85
C GLN B 458 -2.70 11.98 -2.74
N SER B 459 -1.44 12.18 -3.10
CA SER B 459 -1.10 13.31 -3.93
C SER B 459 -0.71 12.80 -5.32
N THR B 460 -0.58 11.49 -5.48
CA THR B 460 -0.08 11.03 -6.77
C THR B 460 -1.21 11.00 -7.76
N VAL B 461 -2.40 11.37 -7.30
CA VAL B 461 -3.57 11.42 -8.19
C VAL B 461 -3.71 12.80 -8.81
N GLU B 462 -3.11 13.82 -8.20
CA GLU B 462 -3.28 15.18 -8.66
C GLU B 462 -2.96 15.39 -10.14
N PRO B 463 -1.95 14.68 -10.68
CA PRO B 463 -1.75 14.73 -12.14
C PRO B 463 -2.85 14.06 -12.95
N VAL B 464 -3.43 13.01 -12.37
CA VAL B 464 -4.50 12.29 -13.03
C VAL B 464 -5.72 13.18 -13.04
N ASP B 465 -6.06 13.71 -11.88
CA ASP B 465 -7.19 14.62 -11.74
C ASP B 465 -7.00 15.74 -12.75
N GLN B 466 -5.77 16.23 -12.82
CA GLN B 466 -5.44 17.35 -13.68
C GLN B 466 -5.68 17.05 -15.13
N LEU B 467 -5.37 15.83 -15.54
CA LEU B 467 -5.54 15.46 -16.93
C LEU B 467 -6.97 15.11 -17.30
N LEU B 468 -7.70 14.65 -16.28
CA LEU B 468 -9.08 14.23 -16.38
C LEU B 468 -9.99 15.42 -16.57
N ARG B 469 -9.49 16.60 -16.19
CA ARG B 469 -10.28 17.81 -16.40
C ARG B 469 -10.14 18.26 -17.84
N LYS B 470 -9.02 17.91 -18.45
CA LYS B 470 -8.74 18.32 -19.81
C LYS B 470 -9.34 17.31 -20.80
N VAL B 471 -10.07 16.33 -20.29
CA VAL B 471 -10.67 15.33 -21.16
C VAL B 471 -11.90 15.89 -21.85
N ASP B 472 -11.77 16.10 -23.16
CA ASP B 472 -12.82 16.70 -23.99
C ASP B 472 -13.20 15.79 -25.16
N PRO B 473 -14.43 15.23 -25.10
CA PRO B 473 -14.86 14.22 -26.06
C PRO B 473 -14.70 14.74 -27.46
N ALA B 474 -15.14 15.99 -27.62
CA ALA B 474 -15.21 16.67 -28.91
C ALA B 474 -13.82 16.95 -29.50
N LYS B 475 -12.86 17.29 -28.65
CA LYS B 475 -11.52 17.55 -29.12
C LYS B 475 -10.95 16.26 -29.68
N ASP B 476 -11.16 15.16 -28.95
CA ASP B 476 -10.65 13.86 -29.39
C ASP B 476 -11.29 13.44 -30.71
N ARG B 477 -12.59 13.72 -30.82
CA ARG B 477 -13.27 13.43 -32.07
C ARG B 477 -12.56 14.18 -33.19
N GLU B 478 -12.12 15.42 -32.92
CA GLU B 478 -11.34 16.17 -33.90
C GLU B 478 -10.03 15.46 -34.24
N LEU B 479 -9.21 15.20 -33.22
CA LEU B 479 -7.84 14.69 -33.44
C LEU B 479 -7.88 13.33 -34.11
N TRP B 480 -9.06 12.71 -34.11
CA TRP B 480 -9.24 11.42 -34.76
C TRP B 480 -9.78 11.56 -36.16
N VAL B 481 -10.84 12.34 -36.32
CA VAL B 481 -11.44 12.53 -37.64
C VAL B 481 -10.40 13.13 -38.58
N ARG B 482 -9.53 13.98 -38.06
CA ARG B 482 -8.48 14.53 -38.89
C ARG B 482 -7.65 13.38 -39.42
N GLU B 483 -7.22 12.50 -38.51
CA GLU B 483 -6.26 11.45 -38.87
C GLU B 483 -6.86 10.30 -39.68
N HIS B 484 -8.17 10.07 -39.62
CA HIS B 484 -8.72 8.92 -40.34
C HIS B 484 -9.81 9.23 -41.39
N LYS B 485 -10.14 10.50 -41.59
CA LYS B 485 -11.21 10.89 -42.51
C LYS B 485 -11.02 10.37 -43.95
N THR B 486 -12.14 10.25 -44.67
CA THR B 486 -12.14 9.84 -46.08
C THR B 486 -13.17 10.64 -46.85
N GLY B 487 -12.75 11.72 -47.51
CA GLY B 487 -13.67 12.54 -48.29
C GLY B 487 -14.57 13.40 -47.39
N ASN B 488 -14.89 14.61 -47.84
CA ASN B 488 -15.72 15.54 -47.08
C ASN B 488 -16.85 16.00 -47.98
N ILE B 489 -16.91 15.33 -49.12
CA ILE B 489 -17.83 15.64 -50.18
C ILE B 489 -19.01 14.70 -50.17
N ARG B 490 -20.19 15.28 -50.23
CA ARG B 490 -21.40 14.51 -50.00
C ARG B 490 -22.02 14.26 -51.38
N PRO B 491 -22.37 13.01 -51.68
CA PRO B 491 -22.86 12.56 -52.98
C PRO B 491 -24.06 13.34 -53.52
N VAL B 492 -24.26 13.26 -54.83
CA VAL B 492 -25.33 13.95 -55.56
C VAL B 492 -26.20 12.95 -56.33
N ASP B 493 -26.82 13.37 -57.43
CA ASP B 493 -27.60 12.42 -58.23
C ASP B 493 -26.93 11.99 -59.56
N MET B 494 -27.77 11.69 -60.55
CA MET B 494 -27.33 11.46 -61.94
C MET B 494 -28.23 12.34 -62.88
N GLU B 495 -27.77 12.72 -64.07
CA GLU B 495 -26.52 12.25 -64.66
C GLU B 495 -25.44 13.34 -64.69
#